data_8WPC
#
_entry.id   8WPC
#
_cell.length_a   77.267
_cell.length_b   84.121
_cell.length_c   62.783
_cell.angle_alpha   90.00
_cell.angle_beta   100.65
_cell.angle_gamma   90.00
#
_symmetry.space_group_name_H-M   'C 1 2 1'
#
loop_
_entity.id
_entity.type
_entity.pdbx_description
1 polymer '4-hydroxyphenylpyruvate dioxygenase'
2 non-polymer 'COBALT (II) ION'
3 non-polymer (2R)-3-[2,4-bis(chloranyl)-3-methyl-phenyl]carbonyl-1-cyclopropyl-2-methyl-4-oxidanyl-2H-pyrrol-5-one
4 water water
#
_entity_poly.entity_id   1
_entity_poly.type   'polypeptide(L)'
_entity_poly.pdbx_seq_one_letter_code
;GSHMVRKNPKSDKFKVKRFHHIEFWCGDATNVARRFSWGLGMRFSAKSDLSTGNMVHASYLLTSGDLRFLFTAPYSPSLS
AGEIKPTTTASIPSFDHGSCRSFFSSHGLGVRAVAIEVEDAESAFSISVANGAIPSSPPIVLNEAVTIAEVKLYGDVVLR
YVSYKAEDTEKSEFLPGFERVEDASSFPLDYGIRRLDHAVGNVPELGPALTYVAGFTGFHQFAEFTADDVGTAESGLNSA
VLASNDEMVLLPINEPVHGTKRKSQIQTYLEHNEGAGLQHLALMSEDIFRTLREMRKRSSIGGFDFMPSPPPTYYQNLKK
RVGDVLSDDQIKECEELGILVDRDDQGTLLQIFTKPLGDRPTIFIEIIQRVGCMMKDEEGKAYQSGGCGGFGKGNFSELF
KSIEEYEKTLEAKQLVG
;
_entity_poly.pdbx_strand_id   A
#
loop_
_chem_comp.id
_chem_comp.type
_chem_comp.name
_chem_comp.formula
CO non-polymer 'COBALT (II) ION' 'Co 2'
X2T non-polymer (2R)-3-[2,4-bis(chloranyl)-3-methyl-phenyl]carbonyl-1-cyclopropyl-2-methyl-4-oxidanyl-2H-pyrrol-5-one 'C16 H15 Cl2 N O3'
#
# COMPACT_ATOMS: atom_id res chain seq x y z
N LYS A 7 17.12 15.57 -9.54
CA LYS A 7 16.87 15.58 -10.97
C LYS A 7 15.64 14.72 -11.31
N ASN A 8 14.69 15.30 -12.04
CA ASN A 8 13.46 14.64 -12.41
C ASN A 8 13.27 14.71 -13.91
N PRO A 9 13.69 13.68 -14.66
CA PRO A 9 13.57 13.72 -16.12
C PRO A 9 12.14 13.70 -16.64
N LYS A 10 11.14 13.38 -15.81
CA LYS A 10 9.74 13.35 -16.21
C LYS A 10 9.54 12.47 -17.45
N SER A 11 9.94 11.21 -17.32
CA SER A 11 10.04 10.28 -18.44
C SER A 11 8.88 9.28 -18.51
N ASP A 12 7.78 9.54 -17.78
CA ASP A 12 6.63 8.62 -17.81
C ASP A 12 6.24 8.31 -19.24
N LYS A 13 6.06 7.03 -19.54
CA LYS A 13 5.71 6.68 -20.91
C LYS A 13 4.22 6.82 -21.20
N PHE A 14 3.42 7.10 -20.18
CA PHE A 14 1.99 7.39 -20.34
C PHE A 14 1.56 8.24 -19.16
N LYS A 15 0.39 8.89 -19.30
CA LYS A 15 -0.05 9.86 -18.29
C LYS A 15 -0.60 9.12 -17.07
N VAL A 16 0.02 9.35 -15.92
CA VAL A 16 -0.34 8.72 -14.65
C VAL A 16 -0.89 9.80 -13.73
N LYS A 17 -2.00 9.49 -13.06
CA LYS A 17 -2.59 10.47 -12.17
C LYS A 17 -2.21 10.17 -10.72
N ARG A 18 -3.02 9.41 -9.98
CA ARG A 18 -2.73 9.12 -8.59
C ARG A 18 -2.96 7.65 -8.31
N PHE A 19 -2.45 7.19 -7.17
CA PHE A 19 -2.89 5.91 -6.62
C PHE A 19 -4.40 5.89 -6.57
N HIS A 20 -4.99 4.77 -6.99
CA HIS A 20 -6.44 4.63 -7.04
C HIS A 20 -6.98 3.71 -5.97
N HIS A 21 -6.45 2.48 -5.87
CA HIS A 21 -6.87 1.57 -4.82
C HIS A 21 -5.81 0.48 -4.65
N ILE A 22 -5.90 -0.21 -3.51
CA ILE A 22 -5.09 -1.37 -3.21
C ILE A 22 -6.05 -2.53 -3.01
N GLU A 23 -5.80 -3.66 -3.69
CA GLU A 23 -6.68 -4.83 -3.55
C GLU A 23 -5.96 -5.97 -2.83
N PHE A 24 -6.55 -6.42 -1.72
CA PHE A 24 -6.09 -7.58 -0.98
C PHE A 24 -6.84 -8.81 -1.49
N TRP A 25 -6.12 -9.91 -1.70
CA TRP A 25 -6.76 -11.19 -1.96
C TRP A 25 -6.80 -11.99 -0.68
N CYS A 26 -7.99 -12.46 -0.32
CA CYS A 26 -8.35 -12.96 1.00
C CYS A 26 -8.99 -14.33 0.86
N GLY A 27 -9.07 -15.05 1.96
CA GLY A 27 -9.88 -16.25 1.88
C GLY A 27 -11.32 -15.96 2.24
N ASP A 28 -11.52 -15.03 3.15
CA ASP A 28 -12.84 -14.53 3.53
C ASP A 28 -12.74 -13.01 3.55
N ALA A 29 -13.37 -12.35 2.57
CA ALA A 29 -13.23 -10.90 2.50
C ALA A 29 -13.94 -10.20 3.65
N THR A 30 -15.07 -10.76 4.10
CA THR A 30 -15.87 -10.13 5.16
C THR A 30 -15.06 -9.90 6.43
N ASN A 31 -14.40 -10.94 6.93
CA ASN A 31 -13.73 -10.80 8.23
C ASN A 31 -12.52 -9.88 8.13
N VAL A 32 -11.74 -9.98 7.04
CA VAL A 32 -10.61 -9.07 6.88
C VAL A 32 -11.11 -7.62 6.77
N ALA A 33 -12.11 -7.39 5.93
CA ALA A 33 -12.60 -6.00 5.76
C ALA A 33 -13.10 -5.43 7.07
N ARG A 34 -13.83 -6.23 7.85
CA ARG A 34 -14.37 -5.68 9.11
C ARG A 34 -13.27 -5.39 10.11
N ARG A 35 -12.26 -6.26 10.19
CA ARG A 35 -11.11 -6.01 11.06
C ARG A 35 -10.39 -4.73 10.63
N PHE A 36 -10.11 -4.60 9.33
CA PHE A 36 -9.40 -3.41 8.84
C PHE A 36 -10.22 -2.15 9.07
N SER A 37 -11.54 -2.22 8.87
CA SER A 37 -12.39 -1.05 9.04
C SER A 37 -12.28 -0.49 10.45
N TRP A 38 -12.42 -1.37 11.44
CA TRP A 38 -12.33 -0.97 12.84
C TRP A 38 -10.92 -0.54 13.20
N GLY A 39 -9.92 -1.28 12.72
CA GLY A 39 -8.54 -1.01 13.10
C GLY A 39 -8.00 0.30 12.54
N LEU A 40 -8.42 0.68 11.33
CA LEU A 40 -7.84 1.81 10.61
C LEU A 40 -8.83 2.97 10.48
N GLY A 41 -10.08 2.78 10.89
CA GLY A 41 -11.06 3.85 10.83
C GLY A 41 -11.46 4.15 9.41
N MET A 42 -11.81 3.11 8.67
CA MET A 42 -12.22 3.25 7.30
C MET A 42 -13.66 2.82 7.15
N ARG A 43 -14.40 3.54 6.34
CA ARG A 43 -15.82 3.31 6.15
C ARG A 43 -16.07 2.26 5.07
N PHE A 44 -17.11 1.44 5.26
CA PHE A 44 -17.58 0.57 4.17
C PHE A 44 -18.32 1.42 3.15
N SER A 45 -17.87 1.43 1.89
CA SER A 45 -18.54 2.30 0.92
C SER A 45 -19.04 1.64 -0.35
N ALA A 46 -18.52 0.49 -0.76
CA ALA A 46 -19.08 -0.18 -1.93
C ALA A 46 -18.93 -1.69 -1.77
N LYS A 47 -19.80 -2.43 -2.44
CA LYS A 47 -19.73 -3.88 -2.44
C LYS A 47 -20.09 -4.46 -3.80
N SER A 48 -19.53 -5.64 -4.07
CA SER A 48 -19.90 -6.47 -5.22
C SER A 48 -19.85 -7.91 -4.71
N ASP A 49 -20.99 -8.57 -4.65
CA ASP A 49 -21.06 -9.88 -4.01
C ASP A 49 -22.38 -10.53 -4.43
N LEU A 50 -22.76 -11.62 -3.77
CA LEU A 50 -23.99 -12.29 -4.13
C LEU A 50 -25.18 -11.33 -4.14
N SER A 51 -25.23 -10.41 -3.18
CA SER A 51 -26.36 -9.50 -3.10
C SER A 51 -26.41 -8.51 -4.28
N THR A 52 -25.32 -8.37 -5.03
CA THR A 52 -25.32 -7.51 -6.21
C THR A 52 -25.30 -8.32 -7.50
N GLY A 53 -25.50 -9.64 -7.43
CA GLY A 53 -25.51 -10.47 -8.61
C GLY A 53 -24.17 -11.08 -8.98
N ASN A 54 -23.14 -10.84 -8.19
CA ASN A 54 -21.81 -11.38 -8.45
C ASN A 54 -21.73 -12.79 -7.88
N MET A 55 -21.73 -13.79 -8.75
CA MET A 55 -21.65 -15.20 -8.37
C MET A 55 -20.23 -15.72 -8.34
N VAL A 56 -19.25 -14.86 -8.58
CA VAL A 56 -17.87 -15.25 -8.76
C VAL A 56 -17.02 -14.90 -7.55
N HIS A 57 -17.08 -13.64 -7.11
CA HIS A 57 -16.23 -13.19 -6.01
C HIS A 57 -16.98 -12.22 -5.12
N ALA A 58 -16.54 -12.18 -3.85
CA ALA A 58 -17.03 -11.22 -2.88
C ALA A 58 -15.99 -10.11 -2.73
N SER A 59 -16.38 -8.86 -3.01
CA SER A 59 -15.46 -7.73 -2.96
C SER A 59 -16.06 -6.60 -2.14
N TYR A 60 -15.33 -6.14 -1.12
CA TYR A 60 -15.79 -5.05 -0.25
C TYR A 60 -14.76 -3.93 -0.23
N LEU A 61 -15.23 -2.70 -0.40
CA LEU A 61 -14.37 -1.53 -0.53
C LEU A 61 -14.46 -0.70 0.74
N LEU A 62 -13.31 -0.41 1.35
CA LEU A 62 -13.23 0.52 2.47
C LEU A 62 -12.59 1.82 1.99
N THR A 63 -13.02 2.94 2.54
CA THR A 63 -12.43 4.21 2.14
C THR A 63 -12.15 5.08 3.37
N SER A 64 -11.08 5.84 3.30
CA SER A 64 -10.79 6.89 4.29
C SER A 64 -10.13 8.03 3.54
N GLY A 65 -10.83 9.16 3.41
CA GLY A 65 -10.37 10.20 2.51
C GLY A 65 -10.27 9.66 1.09
N ASP A 66 -9.10 9.78 0.49
CA ASP A 66 -8.87 9.26 -0.85
C ASP A 66 -8.34 7.84 -0.84
N LEU A 67 -8.07 7.28 0.33
CA LEU A 67 -7.52 5.92 0.40
C LEU A 67 -8.64 4.92 0.11
N ARG A 68 -8.37 3.95 -0.78
CA ARG A 68 -9.34 2.91 -1.09
C ARG A 68 -8.67 1.54 -0.90
N PHE A 69 -9.18 0.76 0.05
CA PHE A 69 -8.79 -0.64 0.27
C PHE A 69 -9.92 -1.55 -0.20
N LEU A 70 -9.61 -2.46 -1.13
CA LEU A 70 -10.55 -3.45 -1.64
C LEU A 70 -10.14 -4.82 -1.13
N PHE A 71 -11.12 -5.60 -0.63
CA PHE A 71 -10.92 -6.95 -0.10
C PHE A 71 -11.77 -7.92 -0.90
N THR A 72 -11.11 -8.90 -1.53
CA THR A 72 -11.78 -9.81 -2.45
C THR A 72 -11.44 -11.25 -2.12
N ALA A 73 -12.45 -12.12 -2.17
CA ALA A 73 -12.31 -13.55 -1.96
C ALA A 73 -13.18 -14.30 -2.96
N PRO A 74 -12.80 -15.53 -3.33
CA PRO A 74 -13.61 -16.29 -4.28
C PRO A 74 -14.74 -17.04 -3.61
N TYR A 75 -15.88 -17.11 -4.30
CA TYR A 75 -16.94 -18.06 -3.94
C TYR A 75 -16.59 -19.44 -4.48
N SER A 76 -17.45 -20.41 -4.16
CA SER A 76 -17.33 -21.73 -4.78
C SER A 76 -17.41 -21.59 -6.29
N PRO A 77 -16.48 -22.17 -7.05
CA PRO A 77 -16.60 -22.11 -8.51
C PRO A 77 -17.93 -22.65 -9.01
N SER A 78 -18.59 -23.52 -8.25
CA SER A 78 -19.85 -24.12 -8.70
C SER A 78 -20.94 -23.08 -8.91
N LEU A 79 -20.91 -21.97 -8.17
CA LEU A 79 -21.94 -20.95 -8.34
C LEU A 79 -21.92 -20.34 -9.72
N SER A 80 -20.77 -20.37 -10.40
CA SER A 80 -20.61 -19.71 -11.69
C SER A 80 -20.14 -20.68 -12.75
N ALA A 81 -20.28 -21.98 -12.52
CA ALA A 81 -19.74 -22.97 -13.45
C ALA A 81 -20.40 -22.91 -14.81
N GLY A 82 -21.61 -22.36 -14.91
CA GLY A 82 -22.26 -22.22 -16.20
C GLY A 82 -21.79 -21.03 -17.00
N GLU A 83 -21.16 -20.06 -16.35
CA GLU A 83 -20.76 -18.84 -17.02
C GLU A 83 -19.51 -19.03 -17.87
N ILE A 84 -19.38 -18.19 -18.88
CA ILE A 84 -18.13 -18.01 -19.59
C ILE A 84 -17.78 -16.54 -19.50
N LYS A 85 -16.55 -16.20 -19.90
CA LYS A 85 -16.10 -14.82 -19.76
C LYS A 85 -17.07 -13.83 -20.41
N PRO A 86 -17.62 -14.06 -21.60
CA PRO A 86 -18.65 -13.15 -22.13
C PRO A 86 -19.89 -13.03 -21.25
N THR A 87 -20.24 -14.08 -20.51
CA THR A 87 -21.44 -14.07 -19.66
C THR A 87 -21.11 -13.92 -18.18
N THR A 88 -19.93 -13.42 -17.84
CA THR A 88 -19.49 -13.46 -16.44
C THR A 88 -20.31 -12.49 -15.59
N THR A 89 -20.55 -12.88 -14.33
CA THR A 89 -21.13 -11.99 -13.35
C THR A 89 -20.08 -11.31 -12.47
N ALA A 90 -18.80 -11.62 -12.67
CA ALA A 90 -17.74 -10.94 -11.93
C ALA A 90 -17.68 -9.46 -12.27
N SER A 91 -17.53 -8.62 -11.24
CA SER A 91 -17.37 -7.19 -11.49
C SER A 91 -15.94 -6.81 -11.80
N ILE A 92 -14.98 -7.66 -11.46
CA ILE A 92 -13.59 -7.41 -11.81
C ILE A 92 -13.16 -8.49 -12.80
N PRO A 93 -13.17 -8.19 -14.10
CA PRO A 93 -12.98 -9.27 -15.10
C PRO A 93 -11.65 -9.97 -15.00
N SER A 94 -10.62 -9.35 -14.41
CA SER A 94 -9.35 -10.05 -14.27
C SER A 94 -9.39 -11.14 -13.21
N PHE A 95 -10.41 -11.17 -12.37
CA PHE A 95 -10.45 -12.17 -11.31
C PHE A 95 -10.50 -13.59 -11.86
N ASP A 96 -9.76 -14.48 -11.21
CA ASP A 96 -9.75 -15.91 -11.56
C ASP A 96 -9.73 -16.72 -10.28
N HIS A 97 -10.69 -17.65 -10.13
CA HIS A 97 -10.76 -18.46 -8.92
C HIS A 97 -9.42 -19.13 -8.63
N GLY A 98 -8.86 -19.81 -9.63
CA GLY A 98 -7.62 -20.53 -9.44
C GLY A 98 -6.46 -19.63 -9.06
N SER A 99 -6.32 -18.49 -9.76
CA SER A 99 -5.26 -17.55 -9.42
C SER A 99 -5.41 -17.06 -8.00
N CYS A 100 -6.64 -16.77 -7.58
CA CYS A 100 -6.84 -16.22 -6.25
C CYS A 100 -6.53 -17.28 -5.19
N ARG A 101 -7.00 -18.50 -5.37
CA ARG A 101 -6.73 -19.53 -4.37
C ARG A 101 -5.25 -19.85 -4.32
N SER A 102 -4.59 -19.88 -5.48
CA SER A 102 -3.15 -20.12 -5.53
C SER A 102 -2.39 -19.01 -4.84
N PHE A 103 -2.79 -17.76 -5.07
CA PHE A 103 -2.13 -16.62 -4.42
C PHE A 103 -2.23 -16.73 -2.89
N PHE A 104 -3.43 -16.98 -2.37
CA PHE A 104 -3.58 -16.95 -0.90
C PHE A 104 -2.93 -18.16 -0.26
N SER A 105 -3.00 -19.33 -0.91
CA SER A 105 -2.33 -20.48 -0.32
C SER A 105 -0.81 -20.30 -0.36
N SER A 106 -0.30 -19.63 -1.38
CA SER A 106 1.14 -19.41 -1.49
C SER A 106 1.63 -18.35 -0.51
N HIS A 107 0.97 -17.19 -0.52
CA HIS A 107 1.47 -16.02 0.18
C HIS A 107 0.71 -15.69 1.46
N GLY A 108 -0.47 -16.28 1.67
CA GLY A 108 -1.33 -15.81 2.74
C GLY A 108 -1.91 -14.44 2.37
N LEU A 109 -2.56 -13.82 3.35
CA LEU A 109 -3.21 -12.52 3.12
C LEU A 109 -2.21 -11.48 2.66
N GLY A 110 -2.53 -10.81 1.54
CA GLY A 110 -1.61 -9.81 1.03
C GLY A 110 -2.22 -9.06 -0.14
N VAL A 111 -1.43 -8.12 -0.66
CA VAL A 111 -1.87 -7.25 -1.74
C VAL A 111 -1.70 -7.97 -3.07
N ARG A 112 -2.77 -8.09 -3.82
CA ARG A 112 -2.71 -8.60 -5.19
C ARG A 112 -2.47 -7.48 -6.19
N ALA A 113 -3.12 -6.33 -6.00
CA ALA A 113 -3.07 -5.28 -7.02
C ALA A 113 -2.74 -3.94 -6.40
N VAL A 114 -1.76 -3.27 -6.97
CA VAL A 114 -1.51 -1.84 -6.74
C VAL A 114 -2.10 -1.13 -7.94
N ALA A 115 -3.19 -0.38 -7.72
CA ALA A 115 -3.92 0.22 -8.82
C ALA A 115 -3.62 1.71 -8.87
N ILE A 116 -3.27 2.19 -10.07
CA ILE A 116 -3.09 3.61 -10.29
C ILE A 116 -4.07 4.09 -11.35
N GLU A 117 -4.58 5.31 -11.18
CA GLU A 117 -5.48 5.87 -12.18
C GLU A 117 -4.65 6.53 -13.26
N VAL A 118 -5.00 6.27 -14.52
CA VAL A 118 -4.27 6.79 -15.67
C VAL A 118 -5.26 7.45 -16.61
N GLU A 119 -4.72 8.17 -17.61
CA GLU A 119 -5.59 8.82 -18.59
C GLU A 119 -6.28 7.79 -19.48
N ASP A 120 -5.56 6.75 -19.88
CA ASP A 120 -6.05 5.80 -20.86
C ASP A 120 -5.44 4.44 -20.52
N ALA A 121 -6.24 3.56 -19.90
CA ALA A 121 -5.73 2.28 -19.45
C ALA A 121 -5.33 1.37 -20.60
N GLU A 122 -6.02 1.47 -21.74
CA GLU A 122 -5.61 0.67 -22.88
C GLU A 122 -4.26 1.11 -23.42
N SER A 123 -4.03 2.42 -23.52
CA SER A 123 -2.73 2.91 -23.96
C SER A 123 -1.64 2.56 -22.97
N ALA A 124 -1.90 2.76 -21.67
CA ALA A 124 -0.91 2.40 -20.67
C ALA A 124 -0.53 0.93 -20.78
N PHE A 125 -1.50 0.06 -20.98
CA PHE A 125 -1.21 -1.37 -21.12
C PHE A 125 -0.38 -1.63 -22.38
N SER A 126 -0.81 -1.08 -23.50
CA SER A 126 -0.12 -1.32 -24.77
C SER A 126 1.32 -0.81 -24.71
N ILE A 127 1.49 0.45 -24.26
CA ILE A 127 2.82 1.02 -24.14
C ILE A 127 3.66 0.25 -23.13
N SER A 128 3.06 -0.16 -22.01
CA SER A 128 3.83 -0.93 -21.03
C SER A 128 4.33 -2.22 -21.65
N VAL A 129 3.45 -2.97 -22.31
CA VAL A 129 3.82 -4.26 -22.85
C VAL A 129 4.82 -4.10 -23.98
N ALA A 130 4.64 -3.04 -24.79
CA ALA A 130 5.63 -2.75 -25.84
C ALA A 130 7.00 -2.44 -25.25
N ASN A 131 7.05 -2.01 -23.98
CA ASN A 131 8.30 -1.69 -23.31
C ASN A 131 8.69 -2.70 -22.25
N GLY A 132 8.26 -3.97 -22.40
CA GLY A 132 8.77 -5.07 -21.60
C GLY A 132 7.85 -5.57 -20.50
N ALA A 133 6.71 -4.91 -20.26
CA ALA A 133 5.82 -5.36 -19.20
C ALA A 133 5.23 -6.72 -19.53
N ILE A 134 5.14 -7.59 -18.53
CA ILE A 134 4.56 -8.91 -18.69
C ILE A 134 3.06 -8.77 -18.51
N PRO A 135 2.25 -9.00 -19.55
CA PRO A 135 0.81 -8.81 -19.41
C PRO A 135 0.20 -9.76 -18.40
N SER A 136 -0.76 -9.26 -17.66
CA SER A 136 -1.50 -10.09 -16.71
C SER A 136 -2.96 -10.19 -17.07
N SER A 137 -3.59 -9.10 -17.44
CA SER A 137 -4.98 -9.11 -17.87
C SER A 137 -5.18 -7.98 -18.88
N PRO A 138 -5.66 -8.29 -20.07
CA PRO A 138 -5.73 -7.28 -21.13
C PRO A 138 -6.77 -6.23 -20.81
N PRO A 139 -6.74 -5.10 -21.49
CA PRO A 139 -7.71 -4.04 -21.19
C PRO A 139 -9.13 -4.53 -21.47
N ILE A 140 -10.03 -4.23 -20.54
CA ILE A 140 -11.45 -4.55 -20.68
C ILE A 140 -12.23 -3.28 -20.35
N VAL A 141 -13.20 -2.94 -21.19
CA VAL A 141 -14.02 -1.76 -20.96
C VAL A 141 -15.28 -2.19 -20.21
N LEU A 142 -15.52 -1.56 -19.06
CA LEU A 142 -16.60 -1.93 -18.16
C LEU A 142 -17.76 -0.94 -18.33
N ASN A 143 -18.88 -1.44 -18.84
CA ASN A 143 -20.09 -0.65 -19.04
C ASN A 143 -19.81 0.63 -19.80
N GLU A 144 -18.92 0.53 -20.80
CA GLU A 144 -18.54 1.66 -21.65
C GLU A 144 -18.12 2.88 -20.84
N ALA A 145 -17.66 2.66 -19.62
CA ALA A 145 -17.38 3.76 -18.70
C ALA A 145 -16.00 3.71 -18.08
N VAL A 146 -15.49 2.53 -17.76
CA VAL A 146 -14.23 2.38 -17.06
C VAL A 146 -13.41 1.30 -17.77
N THR A 147 -12.12 1.55 -17.95
CA THR A 147 -11.22 0.58 -18.55
C THR A 147 -10.20 0.11 -17.53
N ILE A 148 -9.98 -1.20 -17.47
CA ILE A 148 -9.10 -1.82 -16.49
C ILE A 148 -8.16 -2.79 -17.20
N ALA A 149 -6.88 -2.75 -16.83
CA ALA A 149 -5.86 -3.62 -17.39
C ALA A 149 -4.78 -3.84 -16.33
N GLU A 150 -4.05 -4.94 -16.46
CA GLU A 150 -3.09 -5.34 -15.44
C GLU A 150 -1.82 -5.90 -16.07
N VAL A 151 -0.68 -5.53 -15.50
CA VAL A 151 0.62 -6.08 -15.86
C VAL A 151 1.31 -6.54 -14.58
N LYS A 152 2.25 -7.47 -14.74
CA LYS A 152 2.98 -7.94 -13.57
C LYS A 152 3.90 -6.84 -13.04
N LEU A 153 3.93 -6.69 -11.72
CA LEU A 153 4.80 -5.74 -11.05
C LEU A 153 6.01 -6.44 -10.43
N TYR A 154 5.76 -7.34 -9.48
CA TYR A 154 6.78 -8.21 -8.88
C TYR A 154 6.06 -9.35 -8.18
N GLY A 155 6.72 -10.50 -8.12
CA GLY A 155 6.06 -11.68 -7.57
C GLY A 155 4.72 -11.93 -8.24
N ASP A 156 3.68 -12.14 -7.44
CA ASP A 156 2.32 -12.25 -7.92
C ASP A 156 1.51 -10.98 -7.71
N VAL A 157 2.19 -9.85 -7.57
CA VAL A 157 1.55 -8.54 -7.46
C VAL A 157 1.44 -7.94 -8.85
N VAL A 158 0.29 -7.39 -9.19
CA VAL A 158 0.11 -6.72 -10.47
C VAL A 158 0.01 -5.21 -10.25
N LEU A 159 0.47 -4.47 -11.26
CA LEU A 159 0.17 -3.05 -11.35
C LEU A 159 -1.09 -2.93 -12.21
N ARG A 160 -2.13 -2.32 -11.64
CA ARG A 160 -3.43 -2.28 -12.28
C ARG A 160 -3.67 -0.86 -12.79
N TYR A 161 -3.97 -0.72 -14.08
CA TYR A 161 -4.34 0.56 -14.65
C TYR A 161 -5.85 0.69 -14.70
N VAL A 162 -6.35 1.85 -14.26
CA VAL A 162 -7.78 2.18 -14.31
C VAL A 162 -7.91 3.56 -14.94
N SER A 163 -8.80 3.69 -15.92
CA SER A 163 -9.11 4.98 -16.52
C SER A 163 -10.62 5.12 -16.64
N TYR A 164 -11.11 6.34 -16.49
CA TYR A 164 -12.53 6.67 -16.53
C TYR A 164 -12.80 7.64 -17.67
N LYS A 165 -13.81 7.34 -18.48
CA LYS A 165 -14.20 8.28 -19.53
C LYS A 165 -14.65 9.60 -18.93
N ALA A 166 -15.52 9.54 -17.92
CA ALA A 166 -15.97 10.74 -17.25
C ALA A 166 -15.18 10.98 -15.96
N GLU A 173 -19.54 4.44 -7.25
CA GLU A 173 -18.86 5.00 -8.42
C GLU A 173 -17.49 4.36 -8.60
N PHE A 174 -17.14 3.42 -7.72
CA PHE A 174 -15.84 2.76 -7.75
C PHE A 174 -15.61 2.09 -9.08
N LEU A 175 -16.36 1.02 -9.35
CA LEU A 175 -16.34 0.32 -10.61
C LEU A 175 -17.78 -0.04 -10.95
N PRO A 176 -18.11 -0.18 -12.23
CA PRO A 176 -19.44 -0.68 -12.59
C PRO A 176 -19.73 -2.01 -11.93
N GLY A 177 -20.98 -2.21 -11.54
CA GLY A 177 -21.35 -3.43 -10.84
C GLY A 177 -21.15 -3.38 -9.34
N PHE A 178 -20.42 -2.39 -8.83
CA PHE A 178 -20.33 -2.18 -7.39
C PHE A 178 -21.47 -1.27 -6.94
N GLU A 179 -22.11 -1.62 -5.83
CA GLU A 179 -23.17 -0.81 -5.26
C GLU A 179 -22.66 -0.06 -4.03
N ARG A 180 -23.07 1.20 -3.89
CA ARG A 180 -22.86 1.93 -2.65
C ARG A 180 -23.60 1.23 -1.53
N VAL A 181 -23.00 1.22 -0.32
CA VAL A 181 -23.55 0.38 0.74
C VAL A 181 -24.58 1.17 1.55
N GLU A 182 -25.56 0.44 2.07
CA GLU A 182 -26.64 1.04 2.85
C GLU A 182 -26.10 1.76 4.08
N ASP A 183 -26.60 2.97 4.31
CA ASP A 183 -26.00 3.85 5.31
C ASP A 183 -26.05 3.24 6.71
N ALA A 184 -27.02 2.37 6.98
CA ALA A 184 -27.03 1.64 8.25
C ALA A 184 -25.75 0.84 8.43
N SER A 185 -25.36 0.09 7.40
CA SER A 185 -24.11 -0.64 7.44
C SER A 185 -22.90 0.28 7.38
N SER A 186 -23.05 1.48 6.84
CA SER A 186 -21.92 2.39 6.59
C SER A 186 -21.76 3.35 7.76
N PHE A 187 -21.02 2.93 8.78
CA PHE A 187 -20.72 3.78 9.94
C PHE A 187 -19.53 4.69 9.63
N PRO A 188 -19.64 6.06 9.91
CA PRO A 188 -18.62 6.99 9.39
C PRO A 188 -17.37 7.06 10.26
N LEU A 189 -16.67 5.93 10.41
CA LEU A 189 -15.40 5.93 11.12
C LEU A 189 -14.39 6.78 10.36
N ASP A 190 -13.50 7.43 11.12
CA ASP A 190 -12.44 8.22 10.50
C ASP A 190 -11.38 8.55 11.55
N TYR A 191 -10.17 8.03 11.38
CA TYR A 191 -9.11 8.34 12.34
C TYR A 191 -8.09 9.30 11.73
N GLY A 192 -8.41 9.90 10.60
CA GLY A 192 -7.54 10.88 9.97
C GLY A 192 -6.72 10.39 8.79
N ILE A 193 -6.85 9.14 8.39
CA ILE A 193 -6.08 8.70 7.23
C ILE A 193 -6.71 9.23 5.96
N ARG A 194 -5.87 9.67 5.01
CA ARG A 194 -6.38 10.42 3.88
C ARG A 194 -5.94 9.89 2.52
N ARG A 195 -4.76 9.28 2.40
CA ARG A 195 -4.39 8.79 1.08
C ARG A 195 -3.20 7.83 1.19
N LEU A 196 -2.98 7.06 0.12
CA LEU A 196 -1.81 6.20 0.04
C LEU A 196 -0.60 7.03 -0.35
N ASP A 197 0.45 7.01 0.47
CA ASP A 197 1.66 7.76 0.14
C ASP A 197 2.64 6.95 -0.71
N HIS A 198 2.91 5.70 -0.35
CA HIS A 198 3.76 4.84 -1.17
C HIS A 198 3.45 3.38 -0.88
N ALA A 199 3.86 2.52 -1.80
CA ALA A 199 3.65 1.09 -1.70
C ALA A 199 4.96 0.39 -2.03
N VAL A 200 5.43 -0.46 -1.13
CA VAL A 200 6.81 -0.94 -1.10
C VAL A 200 6.83 -2.44 -1.40
N GLY A 201 7.75 -2.86 -2.26
CA GLY A 201 7.90 -4.28 -2.60
C GLY A 201 9.23 -4.84 -2.11
N ASN A 202 9.22 -6.11 -1.72
CA ASN A 202 10.44 -6.84 -1.41
C ASN A 202 10.73 -7.81 -2.54
N VAL A 203 11.96 -7.80 -3.06
CA VAL A 203 12.34 -8.73 -4.12
C VAL A 203 13.67 -9.37 -3.77
N PRO A 204 14.00 -10.50 -4.44
CA PRO A 204 15.33 -11.08 -4.21
C PRO A 204 16.46 -10.24 -4.80
N GLU A 205 16.24 -9.63 -5.96
CA GLU A 205 17.29 -8.85 -6.63
C GLU A 205 16.75 -7.50 -7.06
N LEU A 206 17.30 -6.44 -6.49
CA LEU A 206 16.78 -5.09 -6.72
C LEU A 206 17.04 -4.62 -8.14
N GLY A 207 18.23 -4.86 -8.66
CA GLY A 207 18.62 -4.38 -9.97
C GLY A 207 17.64 -4.76 -11.07
N PRO A 208 17.44 -6.06 -11.29
CA PRO A 208 16.48 -6.50 -12.32
C PRO A 208 15.06 -6.04 -12.08
N ALA A 209 14.66 -5.91 -10.81
CA ALA A 209 13.32 -5.41 -10.53
C ALA A 209 13.19 -3.96 -10.96
N LEU A 210 14.18 -3.12 -10.65
CA LEU A 210 14.15 -1.72 -11.06
C LEU A 210 14.18 -1.59 -12.57
N THR A 211 15.07 -2.33 -13.22
CA THR A 211 15.19 -2.28 -14.67
C THR A 211 13.86 -2.64 -15.33
N TYR A 212 13.18 -3.66 -14.82
CA TYR A 212 11.91 -4.07 -15.38
C TYR A 212 10.85 -2.98 -15.21
N VAL A 213 10.61 -2.53 -13.97
CA VAL A 213 9.50 -1.62 -13.73
C VAL A 213 9.77 -0.26 -14.35
N ALA A 214 10.96 0.31 -14.11
CA ALA A 214 11.28 1.56 -14.77
C ALA A 214 11.26 1.41 -16.29
N GLY A 215 11.56 0.20 -16.77
CA GLY A 215 11.59 -0.02 -18.22
C GLY A 215 10.24 0.18 -18.88
N PHE A 216 9.16 -0.36 -18.29
CA PHE A 216 7.86 -0.28 -18.94
C PHE A 216 7.03 0.93 -18.51
N THR A 217 7.35 1.57 -17.37
CA THR A 217 6.62 2.75 -16.95
C THR A 217 7.29 4.05 -17.36
N GLY A 218 8.61 4.08 -17.42
CA GLY A 218 9.30 5.36 -17.49
C GLY A 218 9.41 6.08 -16.18
N PHE A 219 9.00 5.45 -15.07
CA PHE A 219 9.21 6.05 -13.76
C PHE A 219 10.69 6.24 -13.52
N HIS A 220 11.04 7.31 -12.83
CA HIS A 220 12.43 7.67 -12.58
C HIS A 220 12.81 7.38 -11.14
N GLN A 221 14.12 7.32 -10.90
CA GLN A 221 14.62 7.07 -9.56
C GLN A 221 14.51 8.32 -8.71
N PHE A 222 13.82 8.18 -7.58
CA PHE A 222 13.59 9.28 -6.64
C PHE A 222 14.66 9.22 -5.55
N SER A 235 19.93 -1.72 8.99
CA SER A 235 20.71 -2.44 8.00
C SER A 235 19.89 -3.61 7.43
N GLY A 236 20.51 -4.40 6.57
CA GLY A 236 19.91 -5.61 6.04
C GLY A 236 19.30 -5.48 4.65
N LEU A 237 19.23 -4.28 4.09
CA LEU A 237 18.59 -4.09 2.79
C LEU A 237 19.35 -3.07 1.95
N ASN A 238 19.10 -3.15 0.65
CA ASN A 238 19.31 -2.06 -0.28
C ASN A 238 17.97 -1.69 -0.87
N SER A 239 17.79 -0.42 -1.21
CA SER A 239 16.48 0.04 -1.62
C SER A 239 16.61 1.15 -2.65
N ALA A 240 15.53 1.38 -3.39
CA ALA A 240 15.43 2.48 -4.33
C ALA A 240 13.96 2.72 -4.64
N VAL A 241 13.63 3.96 -4.98
CA VAL A 241 12.25 4.39 -5.16
C VAL A 241 12.04 4.82 -6.60
N LEU A 242 11.02 4.24 -7.24
CA LEU A 242 10.59 4.69 -8.56
C LEU A 242 9.41 5.64 -8.42
N ALA A 243 9.40 6.70 -9.22
CA ALA A 243 8.40 7.75 -9.07
C ALA A 243 7.88 8.17 -10.44
N SER A 244 6.60 8.54 -10.48
CA SER A 244 5.97 9.13 -11.65
C SER A 244 6.41 10.60 -11.82
N ASN A 245 5.89 11.23 -12.88
CA ASN A 245 6.33 12.56 -13.29
C ASN A 245 6.20 13.60 -12.17
N ASP A 246 5.05 13.66 -11.51
CA ASP A 246 4.88 14.60 -10.40
C ASP A 246 5.23 13.97 -9.05
N GLU A 247 5.77 12.75 -9.06
CA GLU A 247 6.28 12.07 -7.87
C GLU A 247 5.19 11.88 -6.82
N MET A 248 3.94 11.71 -7.26
CA MET A 248 2.85 11.33 -6.38
C MET A 248 2.58 9.83 -6.37
N VAL A 249 3.03 9.10 -7.38
CA VAL A 249 3.03 7.63 -7.35
C VAL A 249 4.45 7.23 -7.02
N LEU A 250 4.62 6.58 -5.86
CA LEU A 250 5.94 6.30 -5.30
C LEU A 250 6.00 4.83 -4.96
N LEU A 251 6.97 4.13 -5.56
CA LEU A 251 7.08 2.67 -5.45
C LEU A 251 8.49 2.30 -5.01
N PRO A 252 8.78 2.33 -3.71
CA PRO A 252 10.06 1.80 -3.23
C PRO A 252 10.14 0.29 -3.41
N ILE A 253 11.36 -0.19 -3.66
CA ILE A 253 11.63 -1.63 -3.77
C ILE A 253 12.88 -1.96 -2.95
N ASN A 254 12.81 -3.06 -2.19
CA ASN A 254 13.90 -3.52 -1.34
C ASN A 254 14.43 -4.86 -1.79
N GLU A 255 15.72 -5.09 -1.56
CA GLU A 255 16.36 -6.40 -1.67
C GLU A 255 17.10 -6.69 -0.37
N PRO A 256 17.32 -7.96 -0.03
CA PRO A 256 18.05 -8.27 1.19
C PRO A 256 19.55 -8.09 1.03
N VAL A 257 20.21 -7.81 2.15
CA VAL A 257 21.67 -7.80 2.22
C VAL A 257 22.08 -9.01 3.03
N HIS A 258 22.76 -9.95 2.39
CA HIS A 258 23.07 -11.24 2.99
C HIS A 258 24.37 -11.19 3.79
N GLY A 259 24.45 -12.08 4.78
CA GLY A 259 25.68 -12.26 5.53
C GLY A 259 25.89 -11.33 6.68
N THR A 260 24.85 -10.64 7.15
CA THR A 260 24.96 -9.78 8.31
C THR A 260 24.77 -10.59 9.58
N LYS A 261 25.20 -10.00 10.71
CA LYS A 261 25.01 -10.65 12.00
C LYS A 261 23.53 -10.95 12.24
N ARG A 262 22.68 -9.93 12.15
CA ARG A 262 21.24 -10.10 12.26
C ARG A 262 20.67 -10.37 10.88
N LYS A 263 19.96 -11.49 10.73
CA LYS A 263 19.42 -11.87 9.44
C LYS A 263 18.47 -10.81 8.92
N SER A 264 18.59 -10.52 7.62
CA SER A 264 17.79 -9.49 6.98
C SER A 264 16.30 -9.79 7.10
N GLN A 265 15.55 -8.79 7.58
CA GLN A 265 14.09 -8.89 7.56
C GLN A 265 13.54 -9.03 6.16
N ILE A 266 14.24 -8.52 5.15
CA ILE A 266 13.80 -8.72 3.78
C ILE A 266 13.87 -10.19 3.41
N GLN A 267 14.93 -10.88 3.84
CA GLN A 267 15.05 -12.30 3.56
C GLN A 267 13.99 -13.10 4.32
N THR A 268 13.71 -12.73 5.57
CA THR A 268 12.64 -13.38 6.31
C THR A 268 11.31 -13.23 5.58
N TYR A 269 11.02 -12.00 5.12
CA TYR A 269 9.82 -11.77 4.30
C TYR A 269 9.75 -12.74 3.14
N LEU A 270 10.80 -12.77 2.31
CA LEU A 270 10.79 -13.63 1.12
C LEU A 270 10.55 -15.08 1.50
N GLU A 271 11.09 -15.53 2.63
CA GLU A 271 10.91 -16.92 3.03
C GLU A 271 9.46 -17.19 3.43
N HIS A 272 8.90 -16.34 4.29
CA HIS A 272 7.55 -16.58 4.79
C HIS A 272 6.48 -16.27 3.75
N ASN A 273 6.77 -15.38 2.80
CA ASN A 273 5.82 -15.03 1.74
C ASN A 273 5.90 -15.95 0.53
N GLU A 274 6.86 -16.87 0.50
CA GLU A 274 7.13 -17.66 -0.70
C GLU A 274 7.46 -16.74 -1.89
N GLY A 275 8.37 -15.81 -1.66
CA GLY A 275 8.93 -15.00 -2.72
C GLY A 275 8.56 -13.54 -2.62
N ALA A 276 8.84 -12.84 -3.72
CA ALA A 276 8.62 -11.40 -3.80
C ALA A 276 7.17 -11.04 -3.59
N GLY A 277 6.94 -9.84 -3.09
CA GLY A 277 5.60 -9.36 -2.88
C GLY A 277 5.61 -7.98 -2.23
N LEU A 278 4.41 -7.50 -1.93
CA LEU A 278 4.28 -6.18 -1.33
C LEU A 278 4.63 -6.26 0.15
N GLN A 279 5.59 -5.43 0.57
CA GLN A 279 6.04 -5.40 1.96
C GLN A 279 5.20 -4.45 2.81
N HIS A 280 5.12 -3.17 2.45
CA HIS A 280 4.29 -2.32 3.29
C HIS A 280 3.56 -1.26 2.47
N LEU A 281 2.47 -0.79 3.06
CA LEU A 281 1.67 0.31 2.54
C LEU A 281 1.83 1.49 3.49
N ALA A 282 2.17 2.65 2.96
CA ALA A 282 2.30 3.86 3.78
C ALA A 282 1.07 4.73 3.57
N LEU A 283 0.37 5.02 4.66
CA LEU A 283 -0.89 5.76 4.62
C LEU A 283 -0.66 7.13 5.23
N MET A 284 -0.86 8.19 4.44
CA MET A 284 -0.72 9.54 4.94
C MET A 284 -1.90 9.91 5.83
N SER A 285 -1.60 10.50 6.99
CA SER A 285 -2.61 11.00 7.89
C SER A 285 -2.57 12.52 7.88
N GLU A 286 -3.74 13.14 7.94
CA GLU A 286 -3.80 14.60 8.14
C GLU A 286 -3.50 15.01 9.58
N ASP A 287 -3.33 14.04 10.49
CA ASP A 287 -3.06 14.35 11.90
C ASP A 287 -2.57 13.05 12.53
N ILE A 288 -1.26 12.80 12.46
CA ILE A 288 -0.74 11.50 12.83
C ILE A 288 -0.90 11.24 14.32
N PHE A 289 -0.91 12.31 15.13
CA PHE A 289 -1.14 12.10 16.56
C PHE A 289 -2.54 11.57 16.82
N ARG A 290 -3.54 12.14 16.15
CA ARG A 290 -4.89 11.65 16.31
C ARG A 290 -5.05 10.24 15.77
N THR A 291 -4.45 9.98 14.61
CA THR A 291 -4.55 8.63 14.04
C THR A 291 -3.96 7.59 14.99
N LEU A 292 -2.81 7.89 15.59
CA LEU A 292 -2.20 6.89 16.43
C LEU A 292 -2.89 6.77 17.79
N ARG A 293 -3.42 7.87 18.33
CA ARG A 293 -4.26 7.73 19.52
C ARG A 293 -5.42 6.79 19.24
N GLU A 294 -6.11 7.00 18.11
CA GLU A 294 -7.29 6.21 17.78
C GLU A 294 -6.92 4.75 17.48
N MET A 295 -5.85 4.52 16.69
CA MET A 295 -5.49 3.14 16.39
C MET A 295 -5.00 2.40 17.63
N ARG A 296 -4.21 3.06 18.48
CA ARG A 296 -3.66 2.38 19.66
C ARG A 296 -4.75 2.08 20.68
N LYS A 297 -5.81 2.88 20.71
CA LYS A 297 -6.95 2.57 21.57
C LYS A 297 -7.55 1.22 21.23
N ARG A 298 -7.49 0.84 19.95
CA ARG A 298 -8.16 -0.34 19.45
C ARG A 298 -7.24 -1.53 19.23
N SER A 299 -5.94 -1.40 19.52
CA SER A 299 -5.00 -2.49 19.25
C SER A 299 -5.44 -3.80 19.86
N SER A 300 -5.85 -3.78 21.12
CA SER A 300 -6.20 -4.99 21.83
C SER A 300 -7.68 -5.36 21.73
N ILE A 301 -8.46 -4.60 20.97
CA ILE A 301 -9.87 -4.91 20.79
C ILE A 301 -10.22 -5.01 19.31
N GLY A 302 -9.40 -5.72 18.54
CA GLY A 302 -9.71 -6.04 17.16
C GLY A 302 -8.88 -5.27 16.14
N GLY A 303 -8.17 -4.24 16.55
CA GLY A 303 -7.41 -3.44 15.61
C GLY A 303 -6.00 -3.93 15.34
N PHE A 304 -5.07 -2.99 15.20
CA PHE A 304 -3.70 -3.29 14.81
C PHE A 304 -2.72 -2.97 15.93
N ASP A 305 -1.68 -3.79 16.05
CA ASP A 305 -0.59 -3.56 16.98
C ASP A 305 0.52 -2.79 16.31
N PHE A 306 1.33 -2.12 17.12
CA PHE A 306 2.45 -1.35 16.60
C PHE A 306 3.78 -1.95 17.04
N MET A 307 4.81 -1.75 16.21
CA MET A 307 6.14 -2.23 16.54
C MET A 307 6.60 -1.62 17.87
N PRO A 308 7.57 -2.23 18.55
CA PRO A 308 8.00 -1.70 19.85
C PRO A 308 8.52 -0.28 19.73
N SER A 309 8.17 0.54 20.71
CA SER A 309 8.55 1.95 20.68
C SER A 309 10.07 2.09 20.81
N PRO A 310 10.65 3.15 20.25
CA PRO A 310 12.08 3.41 20.46
C PRO A 310 12.33 3.88 21.89
N PRO A 311 13.56 3.72 22.39
CA PRO A 311 13.83 4.06 23.80
C PRO A 311 13.79 5.56 24.03
N PRO A 312 13.65 5.99 25.29
CA PRO A 312 13.54 7.44 25.56
C PRO A 312 14.69 8.26 25.04
N THR A 313 15.88 7.67 24.92
CA THR A 313 17.02 8.38 24.36
C THR A 313 16.73 8.88 22.94
N TYR A 314 16.00 8.08 22.15
CA TYR A 314 15.60 8.51 20.81
C TYR A 314 14.85 9.83 20.86
N TYR A 315 13.94 9.96 21.83
CA TYR A 315 13.22 11.20 21.95
C TYR A 315 14.08 12.28 22.61
N GLN A 316 15.01 11.89 23.48
CA GLN A 316 15.98 12.85 23.99
C GLN A 316 16.78 13.47 22.84
N ASN A 317 17.19 12.64 21.88
CA ASN A 317 18.00 13.10 20.76
C ASN A 317 17.20 13.83 19.69
N LEU A 318 15.88 13.93 19.84
CA LEU A 318 15.09 14.55 18.79
C LEU A 318 15.14 16.08 18.86
N LYS A 319 15.45 16.64 20.02
CA LYS A 319 15.61 18.10 20.13
C LYS A 319 16.67 18.60 19.17
N LYS A 320 17.85 17.95 19.15
CA LYS A 320 18.93 18.41 18.30
C LYS A 320 18.62 18.20 16.82
N ARG A 321 17.75 17.24 16.49
CA ARG A 321 17.52 16.91 15.09
C ARG A 321 16.34 17.65 14.48
N VAL A 322 15.27 17.88 15.23
CA VAL A 322 14.07 18.50 14.67
C VAL A 322 13.49 19.53 15.63
N GLY A 323 14.31 20.04 16.55
CA GLY A 323 13.86 21.03 17.50
C GLY A 323 13.28 22.29 16.87
N ASP A 324 13.59 22.55 15.61
CA ASP A 324 13.07 23.72 14.90
C ASP A 324 11.78 23.42 14.14
N VAL A 325 11.31 22.17 14.16
CA VAL A 325 10.12 21.77 13.44
C VAL A 325 8.96 21.47 14.38
N LEU A 326 9.23 20.77 15.47
CA LEU A 326 8.21 20.39 16.43
C LEU A 326 8.56 20.96 17.80
N SER A 327 7.56 21.52 18.47
CA SER A 327 7.75 22.04 19.82
C SER A 327 8.00 20.90 20.79
N ASP A 328 8.44 21.26 21.99
CA ASP A 328 8.68 20.27 23.04
C ASP A 328 7.42 19.47 23.34
N ASP A 329 6.26 20.12 23.30
CA ASP A 329 5.02 19.40 23.53
C ASP A 329 4.74 18.41 22.39
N GLN A 330 4.93 18.87 21.15
CA GLN A 330 4.69 18.01 19.99
C GLN A 330 5.64 16.82 19.95
N ILE A 331 6.87 17.01 20.45
CA ILE A 331 7.78 15.87 20.51
C ILE A 331 7.44 14.96 21.67
N LYS A 332 7.00 15.53 22.79
CA LYS A 332 6.48 14.69 23.87
C LYS A 332 5.32 13.82 23.37
N GLU A 333 4.43 14.42 22.56
CA GLU A 333 3.34 13.66 21.95
C GLU A 333 3.87 12.50 21.11
N CYS A 334 4.97 12.72 20.38
CA CYS A 334 5.59 11.63 19.63
C CYS A 334 6.04 10.51 20.56
N GLU A 335 6.64 10.86 21.70
CA GLU A 335 7.17 9.83 22.58
C GLU A 335 6.06 9.00 23.20
N GLU A 336 4.94 9.63 23.53
CA GLU A 336 3.79 8.89 24.04
C GLU A 336 3.37 7.80 23.07
N LEU A 337 3.25 8.15 21.79
CA LEU A 337 2.68 7.29 20.76
C LEU A 337 3.73 6.45 20.05
N GLY A 338 5.01 6.62 20.36
CA GLY A 338 6.04 5.83 19.73
C GLY A 338 6.36 6.24 18.30
N ILE A 339 6.04 7.47 17.92
CA ILE A 339 6.27 7.94 16.56
C ILE A 339 7.77 8.11 16.31
N LEU A 340 8.18 7.84 15.08
CA LEU A 340 9.53 8.10 14.61
C LEU A 340 9.55 9.37 13.77
N VAL A 341 10.71 10.01 13.72
CA VAL A 341 10.89 11.26 12.98
C VAL A 341 12.16 11.17 12.16
N ASP A 342 12.09 11.58 10.90
CA ASP A 342 13.26 11.73 10.06
C ASP A 342 13.14 13.01 9.26
N ARG A 343 14.23 13.38 8.61
CA ARG A 343 14.33 14.68 7.97
C ARG A 343 15.36 14.59 6.86
N ASP A 344 15.02 15.08 5.68
CA ASP A 344 15.99 15.27 4.62
C ASP A 344 16.32 16.76 4.53
N ASP A 345 16.83 17.20 3.38
CA ASP A 345 17.14 18.61 3.23
C ASP A 345 15.93 19.46 2.85
N GLN A 346 14.78 18.84 2.57
CA GLN A 346 13.62 19.56 2.07
C GLN A 346 12.43 19.53 3.03
N GLY A 347 12.26 18.46 3.80
CA GLY A 347 11.12 18.40 4.72
C GLY A 347 11.37 17.44 5.85
N THR A 348 10.33 17.25 6.66
CA THR A 348 10.37 16.41 7.85
C THR A 348 9.33 15.31 7.73
N LEU A 349 9.66 14.15 8.29
CA LEU A 349 8.85 12.94 8.18
C LEU A 349 8.51 12.39 9.57
N LEU A 350 7.22 12.25 9.85
CA LEU A 350 6.74 11.50 11.01
C LEU A 350 6.19 10.16 10.54
N GLN A 351 6.61 9.06 11.19
CA GLN A 351 6.24 7.73 10.73
C GLN A 351 6.18 6.75 11.90
N ILE A 352 5.43 5.66 11.69
CA ILE A 352 5.36 4.57 12.65
C ILE A 352 4.83 3.36 11.90
N PHE A 353 5.15 2.17 12.39
CA PHE A 353 4.89 0.92 11.70
C PHE A 353 4.04 -0.01 12.56
N THR A 354 3.07 -0.66 11.91
CA THR A 354 2.32 -1.71 12.59
C THR A 354 3.12 -3.00 12.62
N LYS A 355 2.73 -3.89 13.52
CA LYS A 355 3.09 -5.28 13.40
C LYS A 355 2.43 -5.85 12.14
N PRO A 356 2.89 -7.01 11.67
CA PRO A 356 2.28 -7.60 10.48
C PRO A 356 0.75 -7.66 10.58
N LEU A 357 0.11 -7.45 9.44
CA LEU A 357 -1.34 -7.36 9.37
C LEU A 357 -2.03 -8.72 9.54
N GLY A 358 -1.32 -9.81 9.26
CA GLY A 358 -1.91 -11.14 9.34
C GLY A 358 -1.03 -12.16 10.02
N ASP A 359 -1.26 -13.45 9.75
CA ASP A 359 -0.52 -14.52 10.41
C ASP A 359 0.97 -14.46 10.11
N ARG A 360 1.32 -14.10 8.89
CA ARG A 360 2.73 -14.25 8.52
C ARG A 360 3.48 -12.94 8.72
N PRO A 361 4.85 -13.03 9.02
CA PRO A 361 5.65 -11.80 9.19
C PRO A 361 6.01 -11.22 7.84
N THR A 362 4.98 -10.75 7.12
CA THR A 362 5.15 -10.28 5.76
C THR A 362 4.68 -8.83 5.63
N ILE A 363 3.42 -8.61 5.28
CA ILE A 363 2.96 -7.25 5.02
C ILE A 363 2.65 -6.53 6.32
N PHE A 364 3.01 -5.25 6.39
CA PHE A 364 2.62 -4.38 7.49
C PHE A 364 2.21 -3.03 6.93
N ILE A 365 1.77 -2.14 7.82
CA ILE A 365 1.33 -0.81 7.43
C ILE A 365 2.21 0.23 8.12
N GLU A 366 2.48 1.32 7.40
CA GLU A 366 3.15 2.49 7.93
C GLU A 366 2.15 3.63 7.96
N ILE A 367 2.12 4.38 9.06
CA ILE A 367 1.37 5.63 9.11
C ILE A 367 2.36 6.77 9.03
N ILE A 368 2.04 7.78 8.23
CA ILE A 368 3.00 8.82 7.88
C ILE A 368 2.33 10.18 7.86
N GLN A 369 3.08 11.21 8.24
CA GLN A 369 2.70 12.59 7.96
C GLN A 369 3.95 13.38 7.60
N ARG A 370 3.84 14.22 6.58
CA ARG A 370 4.96 14.96 6.02
C ARG A 370 4.79 16.45 6.26
N VAL A 371 5.90 17.12 6.57
CA VAL A 371 5.88 18.54 6.89
C VAL A 371 6.95 19.24 6.06
N GLY A 372 6.54 20.22 5.25
CA GLY A 372 7.41 21.03 4.43
C GLY A 372 7.03 20.93 2.97
N CYS A 373 7.97 21.33 2.12
CA CYS A 373 7.86 21.26 0.67
C CYS A 373 6.50 21.73 0.17
N MET A 374 6.12 22.93 0.61
CA MET A 374 4.90 23.56 0.13
C MET A 374 5.21 24.37 -1.11
N MET A 375 4.45 24.15 -2.17
CA MET A 375 4.52 25.00 -3.34
C MET A 375 3.23 25.81 -3.40
N TYR A 383 -0.16 23.20 -2.36
CA TYR A 383 0.02 21.76 -2.34
C TYR A 383 1.40 21.39 -1.80
N GLN A 384 1.56 20.11 -1.42
CA GLN A 384 2.83 19.57 -0.95
C GLN A 384 3.41 18.64 -2.00
N SER A 385 4.71 18.80 -2.28
CA SER A 385 5.34 17.95 -3.27
C SER A 385 5.53 16.54 -2.71
N GLY A 386 5.59 15.57 -3.62
CA GLY A 386 5.64 14.18 -3.21
C GLY A 386 6.95 13.80 -2.56
N GLY A 387 6.86 12.86 -1.62
CA GLY A 387 8.04 12.37 -0.95
C GLY A 387 8.73 13.34 -0.04
N CYS A 388 8.09 14.46 0.30
CA CYS A 388 8.66 15.47 1.19
C CYS A 388 9.21 14.87 2.48
N GLY A 389 10.52 14.90 2.66
CA GLY A 389 11.14 14.36 3.84
C GLY A 389 11.75 12.99 3.64
N GLY A 390 11.56 12.37 2.47
CA GLY A 390 12.13 11.08 2.20
C GLY A 390 11.24 9.95 2.71
N PHE A 391 11.89 8.84 3.09
CA PHE A 391 11.17 7.64 3.50
C PHE A 391 11.69 7.10 4.82
N GLY A 392 12.57 7.82 5.50
CA GLY A 392 12.96 7.49 6.85
C GLY A 392 14.20 6.67 6.98
N LYS A 393 15.06 6.64 5.95
CA LYS A 393 16.25 5.80 6.03
C LYS A 393 17.23 6.29 7.07
N GLY A 394 17.13 7.56 7.49
CA GLY A 394 17.94 8.03 8.59
C GLY A 394 17.59 7.39 9.92
N ASN A 395 16.37 6.83 10.03
CA ASN A 395 15.97 6.21 11.28
C ASN A 395 16.68 4.88 11.54
N PHE A 396 17.33 4.29 10.54
CA PHE A 396 18.09 3.06 10.78
C PHE A 396 19.26 3.34 11.71
N SER A 397 20.15 4.24 11.31
CA SER A 397 21.32 4.53 12.14
C SER A 397 20.93 5.22 13.43
N GLU A 398 19.89 6.06 13.40
CA GLU A 398 19.49 6.79 14.61
C GLU A 398 18.92 5.84 15.66
N LEU A 399 18.17 4.81 15.23
CA LEU A 399 17.67 3.81 16.17
C LEU A 399 18.80 2.97 16.73
N PHE A 400 19.73 2.53 15.87
CA PHE A 400 20.92 1.85 16.33
C PHE A 400 21.64 2.68 17.39
N LYS A 401 22.04 3.90 17.03
CA LYS A 401 22.66 4.81 17.98
C LYS A 401 21.83 4.93 19.25
N SER A 402 20.52 5.06 19.08
CA SER A 402 19.65 5.34 20.21
C SER A 402 19.68 4.21 21.24
N ILE A 403 19.44 2.96 20.80
CA ILE A 403 19.43 1.83 21.73
C ILE A 403 20.81 1.66 22.38
N GLU A 404 21.87 1.88 21.60
CA GLU A 404 23.22 1.76 22.15
C GLU A 404 23.45 2.77 23.27
N GLU A 405 23.19 4.06 23.01
CA GLU A 405 23.36 5.06 24.06
C GLU A 405 22.26 4.97 25.12
N TYR A 406 21.13 4.32 24.83
CA TYR A 406 20.15 4.05 25.87
C TYR A 406 20.67 3.03 26.86
N GLU A 407 21.30 1.97 26.36
CA GLU A 407 21.88 0.94 27.21
C GLU A 407 22.66 1.59 28.36
N LYS A 408 23.46 2.60 28.04
CA LYS A 408 24.07 3.51 29.01
C LYS A 408 24.68 2.81 30.21
CO CO B . 7.88 3.53 4.02
C10 X2T C . 10.57 2.87 2.88
N12 X2T C . 12.96 2.65 2.74
C13 X2T C . 12.55 2.25 4.12
C17 X2T C . 12.91 0.82 4.36
C20 X2T C . 15.68 2.86 2.98
C21 X2T C . 15.23 3.90 1.94
C22 X2T C . 11.64 -0.30 9.66
C01 X2T C . 11.06 2.51 6.78
C02 X2T C . 11.90 3.68 7.32
C03 X2T C . 12.65 3.50 8.64
C04 X2T C . 12.55 2.18 9.40
C05 X2T C . 11.72 1.02 8.87
C06 X2T C . 10.97 1.19 7.55
C07 X2T C . 10.27 2.63 5.48
C08 X2T C . 11.05 2.42 4.18
C11 X2T C . 11.74 3.04 2.00
C16 X2T C . 14.35 2.67 2.25
O09 X2T C . 9.11 2.87 5.48
O14 X2T C . 9.28 3.36 2.61
O15 X2T C . 11.68 3.42 0.88
CL1 X2T C . 9.97 -0.13 6.87
CL2 X2T C . 13.43 2.00 10.93
#